data_5WY2
#
_entry.id   5WY2
#
_cell.length_a   37.443
_cell.length_b   43.711
_cell.length_c   60.070
_cell.angle_alpha   94.79
_cell.angle_beta   99.81
_cell.angle_gamma   100.97
#
_symmetry.space_group_name_H-M   'P 1'
#
loop_
_entity.id
_entity.type
_entity.pdbx_description
1 polymer 'Sorting nexin-5'
2 polymer IncE
3 water water
#
loop_
_entity_poly.entity_id
_entity_poly.type
_entity_poly.pdbx_seq_one_letter_code
_entity_poly.pdbx_strand_id
1 'polypeptide(L)'
;GGSVSVDLNVDPSLQIDIPDALSERDKVKFTVHTKTTLSTFQSPEFSVTRQHEDFVWLHDTLTETTDYAGLIIPPAPTKP
DFDGPREKMQKLGEGEGSMTKEEFAKMKQELEAEYLAVFKKTVSTHEVFLQRLSSHPVLSKDRNFHVFLEYDQDLSVRRK
NTK
;
A,C
2 'polypeptide(L)' GPAVQFFKGKNGSADQVILVT B,D
#
# COMPACT_ATOMS: atom_id res chain seq x y z
N ASP A 11 -0.47 -7.71 16.22
CA ASP A 11 -1.20 -8.68 15.31
C ASP A 11 -2.10 -9.81 15.94
N PRO A 12 -2.12 -9.94 17.29
CA PRO A 12 -2.80 -11.12 17.83
C PRO A 12 -4.36 -11.13 17.72
N SER A 13 -4.94 -10.03 17.26
CA SER A 13 -6.38 -9.93 17.22
C SER A 13 -6.96 -10.49 15.90
N LEU A 14 -6.09 -10.76 14.92
CA LEU A 14 -6.48 -11.31 13.66
C LEU A 14 -5.43 -12.32 13.16
N GLN A 15 -5.75 -13.63 13.21
CA GLN A 15 -4.82 -14.71 12.94
C GLN A 15 -5.38 -15.61 11.88
N ILE A 16 -4.65 -15.72 10.76
CA ILE A 16 -5.13 -16.40 9.58
C ILE A 16 -4.18 -17.52 9.25
N ASP A 17 -4.73 -18.69 8.93
CA ASP A 17 -3.89 -19.78 8.43
C ASP A 17 -4.64 -20.59 7.36
N ILE A 18 -3.87 -21.36 6.61
CA ILE A 18 -4.42 -22.24 5.59
C ILE A 18 -4.10 -23.66 6.03
N PRO A 19 -5.06 -24.36 6.64
CA PRO A 19 -4.76 -25.73 7.14
C PRO A 19 -4.80 -26.87 6.11
N ASP A 20 -5.44 -26.62 4.95
CA ASP A 20 -5.54 -27.63 3.92
C ASP A 20 -5.82 -26.98 2.56
N ALA A 21 -5.61 -27.78 1.53
CA ALA A 21 -5.76 -27.36 0.17
C ALA A 21 -6.01 -28.55 -0.76
N LEU A 22 -6.64 -28.27 -1.90
CA LEU A 22 -7.04 -29.32 -2.82
C LEU A 22 -6.64 -28.92 -4.22
N SER A 23 -5.93 -29.80 -4.92
CA SER A 23 -5.59 -29.62 -6.33
C SER A 23 -6.50 -30.53 -7.12
N GLU A 24 -7.28 -29.96 -8.03
CA GLU A 24 -8.16 -30.74 -8.91
C GLU A 24 -8.20 -30.11 -10.30
N ARG A 25 -8.07 -30.95 -11.31
CA ARG A 25 -7.89 -30.52 -12.70
C ARG A 25 -6.85 -29.42 -12.72
N ASP A 26 -7.23 -28.18 -12.98
CA ASP A 26 -6.25 -27.10 -13.12
C ASP A 26 -6.42 -26.06 -12.02
N LYS A 27 -7.26 -26.33 -11.03
CA LYS A 27 -7.54 -25.35 -10.01
C LYS A 27 -7.10 -25.85 -8.65
N VAL A 28 -6.80 -24.91 -7.78
CA VAL A 28 -6.35 -25.20 -6.44
C VAL A 28 -7.24 -24.46 -5.49
N LYS A 29 -7.93 -25.18 -4.61
CA LYS A 29 -8.74 -24.54 -3.58
C LYS A 29 -7.97 -24.58 -2.26
N PHE A 30 -8.03 -23.50 -1.53
CA PHE A 30 -7.36 -23.36 -0.23
C PHE A 30 -8.43 -23.12 0.85
N THR A 31 -8.32 -23.82 1.98
CA THR A 31 -9.15 -23.47 3.18
C THR A 31 -8.49 -22.32 3.87
N VAL A 32 -9.22 -21.21 4.02
CA VAL A 32 -8.71 -20.03 4.73
C VAL A 32 -9.42 -19.96 6.08
N HIS A 33 -8.64 -20.08 7.14
CA HIS A 33 -9.17 -20.14 8.49
C HIS A 33 -8.78 -18.93 9.27
N THR A 34 -9.77 -18.28 9.90
CA THR A 34 -9.55 -17.04 10.66
C THR A 34 -9.98 -17.18 12.10
N LYS A 35 -9.15 -16.70 13.00
CA LYS A 35 -9.49 -16.49 14.40
C LYS A 35 -9.27 -15.04 14.74
N THR A 36 -10.28 -14.42 15.33
CA THR A 36 -10.20 -13.02 15.59
C THR A 36 -10.94 -12.72 16.87
N THR A 37 -10.49 -11.64 17.52
CA THR A 37 -11.18 -11.09 18.64
C THR A 37 -11.87 -9.76 18.25
N LEU A 38 -11.91 -9.45 16.98
CA LEU A 38 -12.47 -8.16 16.50
C LEU A 38 -14.00 -8.30 16.29
N SER A 39 -14.73 -7.32 16.73
CA SER A 39 -16.20 -7.25 16.48
C SER A 39 -16.49 -6.63 15.08
N THR A 40 -15.47 -6.40 14.27
CA THR A 40 -15.69 -6.00 12.87
C THR A 40 -15.89 -7.24 11.95
N PHE A 41 -15.78 -8.43 12.52
CA PHE A 41 -16.18 -9.69 11.87
C PHE A 41 -17.37 -10.24 12.59
N GLN A 42 -18.21 -10.99 11.87
CA GLN A 42 -19.43 -11.53 12.50
C GLN A 42 -19.17 -12.60 13.57
N SER A 43 -18.10 -13.39 13.38
CA SER A 43 -17.84 -14.58 14.21
C SER A 43 -16.38 -14.63 14.61
N PRO A 44 -16.07 -15.21 15.80
CA PRO A 44 -14.69 -15.19 16.30
C PRO A 44 -13.79 -16.21 15.58
N GLU A 45 -14.37 -17.20 14.93
CA GLU A 45 -13.62 -18.22 14.22
C GLU A 45 -14.45 -18.75 13.05
N PHE A 46 -13.83 -18.82 11.89
CA PHE A 46 -14.57 -19.19 10.66
C PHE A 46 -13.58 -19.59 9.60
N SER A 47 -14.12 -20.31 8.62
CA SER A 47 -13.36 -20.76 7.47
C SER A 47 -14.15 -20.62 6.18
N VAL A 48 -13.42 -20.34 5.10
CA VAL A 48 -13.98 -20.26 3.78
C VAL A 48 -13.03 -20.96 2.82
N THR A 49 -13.57 -21.27 1.64
CA THR A 49 -12.79 -21.85 0.55
C THR A 49 -12.47 -20.75 -0.50
N ARG A 50 -11.21 -20.66 -0.90
CA ARG A 50 -10.77 -19.67 -1.86
C ARG A 50 -9.86 -20.34 -2.88
N GLN A 51 -10.06 -20.01 -4.13
CA GLN A 51 -9.17 -20.39 -5.20
C GLN A 51 -8.07 -19.38 -5.34
N HIS A 52 -6.99 -19.80 -6.02
CA HIS A 52 -5.91 -18.84 -6.33
C HIS A 52 -6.37 -17.49 -6.92
N GLU A 53 -7.25 -17.54 -7.92
CA GLU A 53 -7.79 -16.34 -8.54
C GLU A 53 -8.37 -15.31 -7.53
N ASP A 54 -8.97 -15.80 -6.44
CA ASP A 54 -9.54 -14.94 -5.44
C ASP A 54 -8.47 -14.11 -4.67
N PHE A 55 -7.30 -14.71 -4.47
CA PHE A 55 -6.20 -14.05 -3.87
C PHE A 55 -5.67 -12.96 -4.83
N VAL A 56 -5.61 -13.28 -6.12
CA VAL A 56 -5.18 -12.32 -7.15
C VAL A 56 -6.15 -11.13 -7.20
N TRP A 57 -7.45 -11.42 -7.14
CA TRP A 57 -8.46 -10.38 -7.07
C TRP A 57 -8.27 -9.47 -5.86
N LEU A 58 -7.98 -10.05 -4.71
CA LEU A 58 -7.86 -9.27 -3.48
C LEU A 58 -6.65 -8.34 -3.63
N HIS A 59 -5.53 -8.91 -4.05
CA HIS A 59 -4.34 -8.12 -4.32
C HIS A 59 -4.60 -6.98 -5.28
N ASP A 60 -5.21 -7.27 -6.42
CA ASP A 60 -5.48 -6.23 -7.41
C ASP A 60 -6.40 -5.16 -6.85
N THR A 61 -7.44 -5.58 -6.14
CA THR A 61 -8.40 -4.63 -5.56
C THR A 61 -7.65 -3.63 -4.64
N LEU A 62 -6.77 -4.15 -3.82
CA LEU A 62 -6.01 -3.30 -2.91
C LEU A 62 -5.12 -2.33 -3.67
N THR A 63 -4.44 -2.83 -4.70
CA THR A 63 -3.51 -2.04 -5.50
C THR A 63 -4.25 -0.91 -6.22
N GLU A 64 -5.54 -1.14 -6.55
CA GLU A 64 -6.35 -0.18 -7.27
C GLU A 64 -7.14 0.76 -6.35
N THR A 65 -7.01 0.61 -5.04
CA THR A 65 -7.72 1.47 -4.11
C THR A 65 -6.89 2.73 -3.89
N THR A 66 -7.37 3.86 -4.38
CA THR A 66 -6.55 5.04 -4.52
C THR A 66 -6.21 5.56 -3.16
N ASP A 67 -7.09 5.42 -2.19
CA ASP A 67 -6.73 5.72 -0.82
C ASP A 67 -5.48 5.02 -0.28
N TYR A 68 -5.02 3.89 -0.89
CA TYR A 68 -3.88 3.11 -0.38
C TYR A 68 -2.56 3.37 -1.13
N ALA A 69 -2.57 4.35 -2.05
CA ALA A 69 -1.39 4.66 -2.83
C ALA A 69 -0.28 5.15 -1.89
N GLY A 70 0.88 4.51 -2.01
CA GLY A 70 2.03 4.70 -1.12
C GLY A 70 2.21 3.56 -0.10
N LEU A 71 1.11 2.90 0.27
CA LEU A 71 1.20 1.82 1.25
C LEU A 71 2.00 0.66 0.70
N ILE A 72 2.66 -0.07 1.57
CA ILE A 72 3.37 -1.27 1.21
C ILE A 72 2.39 -2.46 1.11
N ILE A 73 1.99 -2.80 -0.10
CA ILE A 73 1.02 -3.89 -0.29
C ILE A 73 1.83 -5.16 -0.50
N PRO A 74 1.64 -6.19 0.35
CA PRO A 74 2.42 -7.42 0.13
C PRO A 74 2.14 -8.04 -1.27
N PRO A 75 3.14 -8.67 -1.86
CA PRO A 75 2.97 -9.15 -3.24
C PRO A 75 1.99 -10.30 -3.27
N ALA A 76 1.31 -10.42 -4.38
CA ALA A 76 0.39 -11.54 -4.59
C ALA A 76 1.14 -12.86 -4.60
N PRO A 77 0.49 -13.93 -4.15
CA PRO A 77 1.10 -15.25 -4.31
C PRO A 77 1.11 -15.59 -5.79
N THR A 78 2.11 -16.35 -6.18
CA THR A 78 2.22 -16.82 -7.53
C THR A 78 1.26 -18.00 -7.72
N LYS A 79 0.87 -18.20 -8.97
CA LYS A 79 -0.02 -19.29 -9.35
C LYS A 79 0.67 -20.62 -9.04
N PRO A 80 0.01 -21.51 -8.28
CA PRO A 80 0.62 -22.82 -8.07
C PRO A 80 0.76 -23.60 -9.38
N ASP A 81 1.80 -24.41 -9.47
CA ASP A 81 2.04 -25.17 -10.66
C ASP A 81 2.12 -26.65 -10.32
N PHE A 82 1.05 -27.38 -10.67
CA PHE A 82 0.96 -28.82 -10.50
C PHE A 82 1.00 -29.59 -11.83
N ASP A 83 1.47 -28.97 -12.91
CA ASP A 83 1.43 -29.63 -14.24
C ASP A 83 2.34 -30.84 -14.28
N GLY A 84 3.57 -30.67 -13.80
CA GLY A 84 4.55 -31.74 -13.79
C GLY A 84 4.07 -32.92 -12.97
N PRO A 85 3.78 -32.68 -11.66
CA PRO A 85 3.21 -33.75 -10.83
C PRO A 85 1.99 -34.43 -11.49
N ARG A 86 1.09 -33.63 -12.05
CA ARG A 86 -0.15 -34.15 -12.64
C ARG A 86 0.09 -34.95 -13.91
N GLU A 87 1.19 -34.65 -14.59
CA GLU A 87 1.56 -35.42 -15.75
C GLU A 87 2.15 -36.76 -15.33
N LYS A 88 2.96 -36.75 -14.28
CA LYS A 88 3.46 -38.02 -13.71
C LYS A 88 2.31 -38.90 -13.26
N MET A 89 1.37 -38.31 -12.52
CA MET A 89 0.20 -39.04 -11.99
C MET A 89 -0.56 -39.78 -13.09
N GLN A 90 -0.86 -39.08 -14.18
CA GLN A 90 -1.61 -39.65 -15.29
C GLN A 90 -0.85 -40.76 -16.02
N LYS A 91 0.37 -40.42 -16.46
CA LYS A 91 1.25 -41.38 -17.13
C LYS A 91 1.40 -42.66 -16.33
N LEU A 92 1.72 -42.52 -15.04
CA LEU A 92 1.86 -43.66 -14.14
C LEU A 92 0.54 -44.39 -13.93
N PHE A 104 7.59 -49.34 -9.12
CA PHE A 104 6.35 -48.59 -9.13
C PHE A 104 6.05 -47.87 -7.81
N ALA A 105 6.27 -48.57 -6.70
CA ALA A 105 6.14 -47.95 -5.36
C ALA A 105 7.17 -46.83 -5.18
N LYS A 106 8.39 -47.07 -5.66
CA LYS A 106 9.44 -46.04 -5.75
C LYS A 106 8.95 -44.82 -6.54
N MET A 107 8.41 -45.07 -7.72
CA MET A 107 7.93 -44.00 -8.63
C MET A 107 6.72 -43.25 -8.07
N LYS A 108 5.83 -44.00 -7.43
CA LYS A 108 4.65 -43.44 -6.73
C LYS A 108 5.02 -42.64 -5.48
N GLN A 109 6.10 -43.04 -4.80
CA GLN A 109 6.61 -42.31 -3.63
C GLN A 109 7.17 -40.93 -4.01
N GLU A 110 7.97 -40.90 -5.08
CA GLU A 110 8.51 -39.64 -5.62
C GLU A 110 7.41 -38.73 -6.15
N LEU A 111 6.32 -39.28 -6.65
CA LEU A 111 5.14 -38.52 -7.10
C LEU A 111 4.49 -37.80 -5.94
N GLU A 112 4.24 -38.53 -4.84
CA GLU A 112 3.66 -37.92 -3.65
C GLU A 112 4.58 -36.85 -3.06
N ALA A 113 5.88 -37.14 -2.97
CA ALA A 113 6.88 -36.17 -2.52
C ALA A 113 6.88 -34.92 -3.37
N GLU A 114 6.75 -35.07 -4.69
CA GLU A 114 6.66 -33.92 -5.58
C GLU A 114 5.42 -33.11 -5.33
N TYR A 115 4.27 -33.76 -5.29
CA TYR A 115 3.02 -33.08 -4.90
C TYR A 115 3.15 -32.35 -3.56
N LEU A 116 3.75 -33.03 -2.59
CA LEU A 116 3.89 -32.48 -1.24
C LEU A 116 4.77 -31.22 -1.23
N ALA A 117 5.83 -31.23 -2.01
CA ALA A 117 6.76 -30.10 -2.10
C ALA A 117 6.07 -28.91 -2.71
N VAL A 118 5.32 -29.12 -3.79
CA VAL A 118 4.56 -28.03 -4.42
C VAL A 118 3.52 -27.46 -3.45
N PHE A 119 2.82 -28.34 -2.72
CA PHE A 119 1.80 -27.92 -1.76
C PHE A 119 2.39 -27.09 -0.60
N LYS A 120 3.47 -27.54 0.01
CA LYS A 120 4.08 -26.80 1.12
C LYS A 120 4.47 -25.38 0.71
N LYS A 121 5.06 -25.24 -0.48
CA LYS A 121 5.46 -23.94 -1.00
C LYS A 121 4.27 -23.01 -1.29
N THR A 122 3.29 -23.49 -2.05
CA THR A 122 2.18 -22.64 -2.48
C THR A 122 1.25 -22.31 -1.29
N VAL A 123 1.05 -23.26 -0.39
CA VAL A 123 0.29 -22.97 0.81
C VAL A 123 1.02 -21.88 1.61
N SER A 124 2.35 -22.00 1.73
CA SER A 124 3.12 -20.98 2.42
C SER A 124 3.00 -19.58 1.78
N THR A 125 3.15 -19.48 0.46
CA THR A 125 3.06 -18.17 -0.19
C THR A 125 1.68 -17.54 -0.05
N HIS A 126 0.62 -18.38 -0.10
CA HIS A 126 -0.72 -17.85 -0.01
C HIS A 126 -1.02 -17.45 1.38
N GLU A 127 -0.53 -18.22 2.34
CA GLU A 127 -0.74 -17.92 3.74
C GLU A 127 0.01 -16.65 4.19
N VAL A 128 1.26 -16.51 3.76
CA VAL A 128 2.10 -15.38 4.10
C VAL A 128 1.49 -14.06 3.60
N PHE A 129 0.92 -14.08 2.38
CA PHE A 129 0.23 -12.93 1.84
C PHE A 129 -0.88 -12.47 2.80
N LEU A 130 -1.72 -13.40 3.24
CA LEU A 130 -2.83 -13.08 4.10
C LEU A 130 -2.34 -12.63 5.46
N GLN A 131 -1.30 -13.26 5.97
CA GLN A 131 -0.73 -12.91 7.28
C GLN A 131 -0.15 -11.52 7.28
N ARG A 132 0.51 -11.17 6.18
CA ARG A 132 1.02 -9.79 6.02
C ARG A 132 -0.13 -8.76 5.96
N LEU A 133 -1.22 -9.08 5.31
CA LEU A 133 -2.35 -8.16 5.28
C LEU A 133 -2.93 -8.00 6.68
N SER A 134 -3.02 -9.12 7.41
CA SER A 134 -3.60 -9.08 8.74
C SER A 134 -2.80 -8.21 9.70
N SER A 135 -1.48 -8.17 9.56
CA SER A 135 -0.60 -7.28 10.32
C SER A 135 -0.60 -5.79 9.98
N HIS A 136 -1.09 -5.43 8.79
CA HIS A 136 -0.99 -4.05 8.33
C HIS A 136 -2.09 -3.21 9.02
N PRO A 137 -1.72 -2.13 9.72
CA PRO A 137 -2.74 -1.36 10.41
C PRO A 137 -3.83 -0.75 9.54
N VAL A 138 -3.56 -0.50 8.24
CA VAL A 138 -4.57 -0.01 7.35
C VAL A 138 -5.22 -1.13 6.52
N LEU A 139 -4.42 -1.99 5.92
CA LEU A 139 -4.94 -2.96 4.97
C LEU A 139 -5.79 -4.03 5.69
N SER A 140 -5.48 -4.30 6.95
CA SER A 140 -6.19 -5.33 7.73
C SER A 140 -7.69 -4.94 7.89
N LYS A 141 -7.99 -3.63 7.77
CA LYS A 141 -9.31 -3.10 7.95
C LYS A 141 -10.11 -3.03 6.65
N ASP A 142 -9.47 -3.33 5.55
CA ASP A 142 -10.11 -3.17 4.25
C ASP A 142 -11.35 -4.08 4.13
N ARG A 143 -12.42 -3.53 3.61
CA ARG A 143 -13.68 -4.24 3.41
C ARG A 143 -13.56 -5.46 2.48
N ASN A 144 -12.78 -5.32 1.40
CA ASN A 144 -12.60 -6.42 0.45
C ASN A 144 -11.81 -7.54 1.08
N PHE A 145 -10.83 -7.19 1.90
CA PHE A 145 -10.11 -8.17 2.70
C PHE A 145 -11.08 -8.91 3.66
N HIS A 146 -11.95 -8.15 4.32
CA HIS A 146 -12.93 -8.80 5.19
C HIS A 146 -13.87 -9.75 4.40
N VAL A 147 -14.34 -9.29 3.27
CA VAL A 147 -15.14 -10.16 2.40
C VAL A 147 -14.38 -11.43 2.04
N PHE A 148 -13.13 -11.27 1.64
CA PHE A 148 -12.32 -12.40 1.26
C PHE A 148 -12.27 -13.44 2.40
N LEU A 149 -12.09 -12.98 3.65
CA LEU A 149 -12.04 -13.88 4.80
C LEU A 149 -13.36 -14.51 5.22
N GLU A 150 -14.44 -13.79 5.05
CA GLU A 150 -15.70 -14.08 5.72
C GLU A 150 -16.83 -14.58 4.83
N TYR A 151 -16.85 -14.17 3.56
CA TYR A 151 -18.03 -14.34 2.74
C TYR A 151 -18.21 -15.84 2.45
N ASP A 152 -19.31 -16.43 2.85
CA ASP A 152 -19.31 -17.91 2.84
C ASP A 152 -19.93 -18.47 1.57
N GLN A 153 -19.46 -17.96 0.43
CA GLN A 153 -19.83 -18.40 -0.92
C GLN A 153 -18.63 -18.27 -1.84
N ASP A 154 -18.80 -18.76 -3.07
CA ASP A 154 -17.74 -18.66 -4.11
C ASP A 154 -17.60 -17.19 -4.49
N LEU A 155 -16.41 -16.63 -4.44
CA LEU A 155 -16.27 -15.22 -4.88
C LEU A 155 -16.23 -15.10 -6.38
N SER A 156 -15.89 -16.18 -7.09
CA SER A 156 -15.69 -16.10 -8.55
C SER A 156 -16.96 -15.54 -9.17
N VAL A 157 -18.08 -16.20 -8.92
CA VAL A 157 -19.42 -15.74 -9.37
C VAL A 157 -19.76 -14.29 -8.92
N ARG A 158 -19.40 -13.92 -7.69
CA ARG A 158 -19.58 -12.53 -7.19
C ARG A 158 -19.06 -11.46 -8.16
N ARG A 159 -17.89 -11.74 -8.74
CA ARG A 159 -17.07 -10.79 -9.51
C ARG A 159 -16.92 -11.21 -10.99
N GLY B 1 -12.29 -36.23 -12.49
CA GLY B 1 -11.04 -37.03 -12.58
C GLY B 1 -10.19 -36.92 -11.32
N PRO B 2 -8.84 -36.91 -11.47
CA PRO B 2 -7.97 -36.96 -10.27
C PRO B 2 -7.90 -35.69 -9.40
N ALA B 3 -7.76 -35.89 -8.11
CA ALA B 3 -7.62 -34.80 -7.19
C ALA B 3 -6.70 -35.20 -6.07
N VAL B 4 -5.94 -34.25 -5.57
CA VAL B 4 -4.98 -34.50 -4.53
C VAL B 4 -5.24 -33.49 -3.40
N GLN B 5 -5.32 -34.00 -2.19
CA GLN B 5 -5.72 -33.24 -1.02
C GLN B 5 -4.50 -33.11 -0.12
N PHE B 6 -4.21 -31.90 0.34
CA PHE B 6 -3.11 -31.63 1.26
C PHE B 6 -3.67 -31.29 2.63
N PHE B 7 -3.03 -31.81 3.68
CA PHE B 7 -3.32 -31.40 5.07
C PHE B 7 -2.04 -30.90 5.73
N LYS B 8 -2.06 -29.70 6.24
CA LYS B 8 -0.92 -29.23 6.98
C LYS B 8 -0.91 -29.87 8.37
N GLY B 9 0.27 -30.31 8.80
CA GLY B 9 0.43 -30.97 10.09
C GLY B 9 0.56 -29.93 11.17
N LYS B 10 1.25 -28.84 10.85
CA LYS B 10 1.27 -27.59 11.63
C LYS B 10 2.41 -27.51 12.68
N ASN B 11 2.08 -27.63 13.97
CA ASN B 11 3.06 -27.68 15.07
C ASN B 11 3.51 -29.13 15.27
N GLY B 12 2.62 -29.96 15.82
CA GLY B 12 2.95 -31.31 16.22
C GLY B 12 3.00 -32.32 15.08
N SER B 13 1.96 -32.32 14.24
CA SER B 13 1.89 -33.32 13.14
C SER B 13 2.82 -32.91 11.99
N ALA B 14 3.07 -33.83 11.06
CA ALA B 14 3.70 -33.49 9.78
C ALA B 14 2.67 -33.53 8.63
N ASP B 15 3.03 -32.89 7.53
CA ASP B 15 2.10 -32.67 6.42
C ASP B 15 1.80 -33.96 5.70
N GLN B 16 0.62 -34.05 5.09
CA GLN B 16 0.16 -35.24 4.40
C GLN B 16 -0.50 -34.87 3.08
N VAL B 17 -0.43 -35.79 2.13
CA VAL B 17 -1.07 -35.64 0.85
C VAL B 17 -1.83 -36.93 0.57
N ILE B 18 -3.06 -36.82 0.06
CA ILE B 18 -3.90 -37.98 -0.24
C ILE B 18 -4.44 -37.88 -1.64
N LEU B 19 -4.29 -38.96 -2.39
CA LEU B 19 -4.91 -39.05 -3.68
C LEU B 19 -6.38 -39.38 -3.46
N VAL B 20 -7.23 -38.56 -4.07
CA VAL B 20 -8.65 -38.72 -4.05
C VAL B 20 -9.11 -39.04 -5.48
N THR B 21 -10.31 -39.63 -5.59
CA THR B 21 -10.96 -39.97 -6.86
C THR B 21 -10.12 -40.93 -7.75
N ASP C 11 22.25 23.18 18.90
CA ASP C 11 21.42 23.64 17.71
C ASP C 11 20.95 22.54 16.76
N PRO C 12 19.89 22.80 15.95
CA PRO C 12 19.36 21.70 15.15
C PRO C 12 20.24 21.30 13.93
N SER C 13 20.52 20.00 13.87
CA SER C 13 21.43 19.48 12.89
C SER C 13 20.71 19.03 11.62
N LEU C 14 19.38 18.99 11.64
CA LEU C 14 18.58 18.52 10.53
C LEU C 14 17.28 19.31 10.45
N GLN C 15 17.19 20.25 9.49
CA GLN C 15 16.09 21.21 9.42
C GLN C 15 15.42 21.10 8.05
N ILE C 16 14.15 20.72 8.05
CA ILE C 16 13.43 20.38 6.82
C ILE C 16 12.24 21.33 6.68
N ASP C 17 12.01 21.81 5.47
CA ASP C 17 10.81 22.56 5.17
C ASP C 17 10.33 22.30 3.74
N ILE C 18 9.07 22.68 3.51
CA ILE C 18 8.47 22.56 2.18
C ILE C 18 8.18 23.99 1.69
N PRO C 19 9.04 24.55 0.85
CA PRO C 19 8.82 25.96 0.40
C PRO C 19 7.82 26.16 -0.75
N ASP C 20 7.51 25.09 -1.49
CA ASP C 20 6.58 25.20 -2.59
C ASP C 20 5.99 23.83 -2.92
N ALA C 21 4.90 23.89 -3.67
CA ALA C 21 4.19 22.68 -4.06
C ALA C 21 3.37 22.91 -5.33
N LEU C 22 3.07 21.84 -6.04
CA LEU C 22 2.41 21.94 -7.31
C LEU C 22 1.29 20.93 -7.35
N SER C 23 0.08 21.40 -7.69
CA SER C 23 -1.07 20.52 -7.87
C SER C 23 -1.32 20.44 -9.36
N GLU C 24 -1.28 19.22 -9.90
CA GLU C 24 -1.60 19.00 -11.31
C GLU C 24 -2.31 17.67 -11.49
N ARG C 25 -3.36 17.68 -12.31
CA ARG C 25 -4.16 16.48 -12.58
C ARG C 25 -4.53 15.84 -11.25
N ASP C 26 -3.94 14.70 -10.92
CA ASP C 26 -4.32 13.97 -9.70
C ASP C 26 -3.17 13.91 -8.69
N LYS C 27 -2.11 14.67 -8.94
CA LYS C 27 -0.89 14.56 -8.17
C LYS C 27 -0.63 15.90 -7.49
N VAL C 28 0.02 15.81 -6.34
CA VAL C 28 0.55 16.96 -5.67
C VAL C 28 2.02 16.69 -5.46
N LYS C 29 2.89 17.54 -6.01
CA LYS C 29 4.33 17.40 -5.81
C LYS C 29 4.73 18.47 -4.78
N PHE C 30 5.56 18.08 -3.83
CA PHE C 30 6.08 18.94 -2.79
C PHE C 30 7.58 19.09 -2.97
N THR C 31 8.09 20.33 -2.88
CA THR C 31 9.55 20.52 -2.80
C THR C 31 9.94 20.31 -1.36
N VAL C 32 10.82 19.36 -1.09
CA VAL C 32 11.33 19.06 0.26
C VAL C 32 12.75 19.57 0.35
N HIS C 33 12.95 20.53 1.24
CA HIS C 33 14.21 21.25 1.34
C HIS C 33 14.86 20.94 2.67
N THR C 34 16.14 20.53 2.63
CA THR C 34 16.89 20.13 3.83
C THR C 34 18.13 20.98 4.03
N LYS C 35 18.36 21.40 5.27
CA LYS C 35 19.62 21.99 5.70
C LYS C 35 20.15 21.15 6.85
N THR C 36 21.40 20.73 6.76
CA THR C 36 21.92 19.82 7.72
C THR C 36 23.37 20.03 7.90
N THR C 37 23.83 19.68 9.10
CA THR C 37 25.23 19.67 9.45
C THR C 37 25.70 18.23 9.60
N LEU C 38 24.88 17.24 9.25
CA LEU C 38 25.25 15.83 9.48
C LEU C 38 26.11 15.29 8.31
N SER C 39 27.21 14.65 8.65
CA SER C 39 28.19 14.20 7.67
C SER C 39 27.71 13.00 6.82
N THR C 40 26.58 12.39 7.21
CA THR C 40 25.99 11.29 6.45
C THR C 40 25.30 11.72 5.14
N PHE C 41 25.07 13.03 4.93
CA PHE C 41 24.57 13.58 3.68
C PHE C 41 25.73 14.20 2.92
N GLN C 42 25.65 14.18 1.60
CA GLN C 42 26.77 14.61 0.76
C GLN C 42 26.85 16.12 0.60
N SER C 43 25.81 16.88 0.95
CA SER C 43 25.91 18.37 0.90
C SER C 43 25.15 18.91 2.11
N PRO C 44 25.48 20.16 2.54
CA PRO C 44 24.80 20.72 3.70
C PRO C 44 23.37 21.21 3.39
N GLU C 45 23.03 21.39 2.12
CA GLU C 45 21.73 21.90 1.73
C GLU C 45 21.30 21.31 0.37
N PHE C 46 20.07 20.85 0.30
CA PHE C 46 19.57 20.19 -0.91
C PHE C 46 18.08 20.19 -0.93
N SER C 47 17.54 19.99 -2.13
CA SER C 47 16.08 19.81 -2.30
C SER C 47 15.75 18.67 -3.26
N VAL C 48 14.61 18.04 -3.01
CA VAL C 48 14.05 17.03 -3.88
C VAL C 48 12.56 17.28 -4.05
N THR C 49 11.98 16.61 -5.03
CA THR C 49 10.57 16.61 -5.29
C THR C 49 9.94 15.27 -4.83
N ARG C 50 8.86 15.36 -4.07
CA ARG C 50 8.17 14.20 -3.51
C ARG C 50 6.68 14.37 -3.67
N GLN C 51 6.02 13.31 -4.09
CA GLN C 51 4.57 13.23 -4.15
C GLN C 51 4.03 12.76 -2.84
N HIS C 52 2.75 13.05 -2.61
CA HIS C 52 2.09 12.54 -1.38
C HIS C 52 2.35 11.03 -1.08
N GLU C 53 2.21 10.19 -2.09
CA GLU C 53 2.46 8.76 -1.96
C GLU C 53 3.83 8.41 -1.42
N ASP C 54 4.85 9.23 -1.71
CA ASP C 54 6.19 9.00 -1.20
C ASP C 54 6.27 9.17 0.33
N PHE C 55 5.49 10.09 0.87
CA PHE C 55 5.39 10.32 2.27
C PHE C 55 4.70 9.12 2.92
N VAL C 56 3.65 8.62 2.27
CA VAL C 56 2.91 7.43 2.76
C VAL C 56 3.84 6.21 2.77
N TRP C 57 4.63 6.05 1.72
CA TRP C 57 5.65 5.00 1.66
C TRP C 57 6.63 5.10 2.82
N LEU C 58 7.09 6.31 3.12
CA LEU C 58 8.08 6.51 4.16
C LEU C 58 7.48 6.13 5.51
N HIS C 59 6.28 6.62 5.76
CA HIS C 59 5.57 6.27 6.98
C HIS C 59 5.39 4.77 7.12
N ASP C 60 4.91 4.11 6.08
CA ASP C 60 4.71 2.69 6.14
C ASP C 60 6.00 1.93 6.38
N THR C 61 7.06 2.34 5.69
CA THR C 61 8.36 1.72 5.85
C THR C 61 8.81 1.76 7.30
N LEU C 62 8.65 2.92 7.92
CA LEU C 62 9.05 3.07 9.32
C LEU C 62 8.23 2.17 10.23
N THR C 63 6.91 2.12 9.99
CA THR C 63 6.02 1.36 10.81
C THR C 63 6.33 -0.14 10.71
N GLU C 64 6.84 -0.57 9.54
CA GLU C 64 7.15 -1.97 9.29
C GLU C 64 8.58 -2.35 9.61
N THR C 65 9.37 -1.43 10.12
CA THR C 65 10.76 -1.73 10.51
C THR C 65 10.73 -2.29 11.94
N THR C 66 11.04 -3.58 12.07
CA THR C 66 10.73 -4.28 13.31
C THR C 66 11.60 -3.75 14.42
N ASP C 67 12.81 -3.34 14.11
CA ASP C 67 13.61 -2.60 15.05
C ASP C 67 12.97 -1.39 15.72
N TYR C 68 11.94 -0.77 15.13
CA TYR C 68 11.32 0.46 15.66
C TYR C 68 10.01 0.21 16.43
N ALA C 69 9.65 -1.06 16.64
CA ALA C 69 8.43 -1.41 17.32
C ALA C 69 8.51 -0.86 18.76
N GLY C 70 7.49 -0.10 19.13
CA GLY C 70 7.42 0.64 20.40
C GLY C 70 7.66 2.14 20.23
N LEU C 71 8.43 2.53 19.20
CA LEU C 71 8.72 3.94 18.99
C LEU C 71 7.46 4.67 18.61
N ILE C 72 7.42 5.96 18.96
CA ILE C 72 6.32 6.82 18.60
C ILE C 72 6.56 7.36 17.19
N ILE C 73 5.90 6.77 16.21
CA ILE C 73 6.10 7.19 14.80
C ILE C 73 5.04 8.24 14.51
N PRO C 74 5.46 9.44 14.09
CA PRO C 74 4.44 10.47 13.80
C PRO C 74 3.48 10.02 12.66
N PRO C 75 2.23 10.44 12.73
CA PRO C 75 1.26 9.96 11.78
C PRO C 75 1.53 10.49 10.42
N ALA C 76 1.16 9.70 9.44
CA ALA C 76 1.27 10.13 8.05
C ALA C 76 0.38 11.33 7.78
N PRO C 77 0.82 12.20 6.87
CA PRO C 77 -0.07 13.25 6.41
C PRO C 77 -1.20 12.63 5.62
N THR C 78 -2.33 13.30 5.68
CA THR C 78 -3.50 12.90 4.94
C THR C 78 -3.36 13.35 3.50
N LYS C 79 -4.06 12.64 2.64
CA LYS C 79 -4.05 12.93 1.20
C LYS C 79 -4.66 14.30 0.98
N PRO C 80 -3.97 15.19 0.27
CA PRO C 80 -4.58 16.49 -0.03
C PRO C 80 -5.78 16.32 -0.94
N ASP C 81 -6.79 17.17 -0.79
CA ASP C 81 -7.97 17.10 -1.60
C ASP C 81 -8.16 18.42 -2.35
N PHE C 82 -7.90 18.39 -3.65
CA PHE C 82 -8.09 19.53 -4.55
C PHE C 82 -9.24 19.30 -5.54
N ASP C 83 -10.17 18.39 -5.26
CA ASP C 83 -11.22 18.06 -6.25
C ASP C 83 -12.15 19.22 -6.51
N GLY C 84 -12.61 19.85 -5.43
CA GLY C 84 -13.52 20.99 -5.52
C GLY C 84 -12.87 22.14 -6.27
N PRO C 85 -11.72 22.63 -5.77
CA PRO C 85 -10.97 23.67 -6.50
C PRO C 85 -10.74 23.31 -7.98
N ARG C 86 -10.36 22.07 -8.25
CA ARG C 86 -10.04 21.63 -9.61
C ARG C 86 -11.28 21.56 -10.50
N GLU C 87 -12.44 21.37 -9.90
CA GLU C 87 -13.68 21.41 -10.64
C GLU C 87 -14.04 22.86 -10.97
N LYS C 88 -13.83 23.77 -10.01
CA LYS C 88 -14.01 25.19 -10.28
C LYS C 88 -13.08 25.65 -11.41
N MET C 89 -11.80 25.27 -11.33
CA MET C 89 -10.80 25.64 -12.34
C MET C 89 -11.24 25.28 -13.76
N GLN C 90 -11.70 24.04 -13.94
CA GLN C 90 -12.14 23.55 -15.24
C GLN C 90 -13.40 24.29 -15.75
N LYS C 91 -14.45 24.30 -14.92
CA LYS C 91 -15.70 25.00 -15.21
C LYS C 91 -15.44 26.45 -15.62
N LEU C 92 -14.68 27.15 -14.79
CA LEU C 92 -14.32 28.55 -15.02
C LEU C 92 -13.46 28.70 -16.29
N GLY C 93 -12.49 27.80 -16.46
CA GLY C 93 -11.72 27.70 -17.70
C GLY C 93 -12.58 27.61 -18.96
N GLU C 94 -13.58 26.74 -18.93
CA GLU C 94 -14.51 26.57 -20.04
C GLU C 94 -15.31 27.85 -20.31
N GLY C 95 -15.73 28.51 -19.24
CA GLY C 95 -16.59 29.69 -19.33
C GLY C 95 -15.91 31.05 -19.41
N GLU C 96 -14.60 31.08 -19.60
CA GLU C 96 -13.89 32.36 -19.82
C GLU C 96 -14.48 33.08 -21.02
N GLY C 97 -14.67 32.32 -22.11
CA GLY C 97 -15.16 32.84 -23.37
C GLY C 97 -16.53 33.46 -23.33
N SER C 98 -17.31 33.19 -22.27
CA SER C 98 -18.66 33.75 -22.12
C SER C 98 -18.77 34.92 -21.14
N MET C 99 -18.18 34.80 -19.94
CA MET C 99 -18.35 35.82 -18.89
C MET C 99 -17.53 37.10 -19.17
N THR C 100 -17.95 38.21 -18.56
CA THR C 100 -17.28 39.50 -18.75
C THR C 100 -15.93 39.48 -18.03
N LYS C 101 -15.02 40.32 -18.47
CA LYS C 101 -13.62 40.22 -18.02
C LYS C 101 -13.40 40.50 -16.51
N GLU C 102 -14.22 41.39 -15.95
CA GLU C 102 -14.25 41.67 -14.50
C GLU C 102 -14.65 40.42 -13.71
N GLU C 103 -15.79 39.85 -14.10
CA GLU C 103 -16.38 38.67 -13.47
C GLU C 103 -15.36 37.56 -13.44
N PHE C 104 -14.62 37.41 -14.53
CA PHE C 104 -13.56 36.42 -14.63
C PHE C 104 -12.48 36.58 -13.54
N ALA C 105 -11.99 37.81 -13.38
CA ALA C 105 -10.91 38.08 -12.41
C ALA C 105 -11.42 37.86 -10.98
N LYS C 106 -12.65 38.29 -10.73
CA LYS C 106 -13.36 38.00 -9.46
C LYS C 106 -13.44 36.50 -9.23
N MET C 107 -13.89 35.77 -10.24
CA MET C 107 -14.09 34.31 -10.16
C MET C 107 -12.75 33.55 -9.98
N LYS C 108 -11.73 34.03 -10.70
CA LYS C 108 -10.37 33.50 -10.62
C LYS C 108 -9.69 33.81 -9.29
N GLN C 109 -10.02 34.95 -8.67
CA GLN C 109 -9.48 35.32 -7.37
C GLN C 109 -10.01 34.40 -6.25
N GLU C 110 -11.32 34.14 -6.27
CA GLU C 110 -11.95 33.21 -5.32
C GLU C 110 -11.40 31.76 -5.47
N LEU C 111 -11.09 31.40 -6.72
CA LEU C 111 -10.50 30.09 -7.03
C LEU C 111 -9.10 29.94 -6.43
N GLU C 112 -8.27 30.95 -6.62
CA GLU C 112 -6.93 30.98 -6.03
C GLU C 112 -6.97 30.93 -4.50
N ALA C 113 -7.85 31.74 -3.89
CA ALA C 113 -8.06 31.70 -2.44
C ALA C 113 -8.45 30.29 -1.94
N GLU C 114 -9.31 29.61 -2.69
CA GLU C 114 -9.66 28.24 -2.35
C GLU C 114 -8.47 27.29 -2.44
N TYR C 115 -7.78 27.32 -3.57
CA TYR C 115 -6.54 26.57 -3.72
C TYR C 115 -5.54 26.88 -2.61
N LEU C 116 -5.38 28.15 -2.27
CA LEU C 116 -4.43 28.59 -1.26
C LEU C 116 -4.75 28.02 0.12
N ALA C 117 -6.04 27.95 0.46
CA ALA C 117 -6.45 27.41 1.76
C ALA C 117 -6.08 25.91 1.85
N VAL C 118 -6.37 25.17 0.79
CA VAL C 118 -6.02 23.75 0.75
C VAL C 118 -4.49 23.55 0.83
N PHE C 119 -3.75 24.38 0.10
CA PHE C 119 -2.28 24.31 0.09
C PHE C 119 -1.65 24.59 1.45
N LYS C 120 -2.08 25.64 2.14
CA LYS C 120 -1.53 25.96 3.48
C LYS C 120 -1.66 24.79 4.45
N LYS C 121 -2.85 24.18 4.46
CA LYS C 121 -3.12 23.03 5.34
C LYS C 121 -2.24 21.80 4.99
N THR C 122 -2.26 21.38 3.71
CA THR C 122 -1.57 20.15 3.33
C THR C 122 -0.04 20.31 3.38
N VAL C 123 0.45 21.49 3.01
CA VAL C 123 1.89 21.75 3.15
C VAL C 123 2.26 21.67 4.62
N SER C 124 1.43 22.25 5.50
CA SER C 124 1.69 22.15 6.93
C SER C 124 1.73 20.68 7.45
N THR C 125 0.72 19.90 7.11
CA THR C 125 0.69 18.49 7.58
C THR C 125 1.89 17.66 7.07
N HIS C 126 2.29 17.92 5.83
CA HIS C 126 3.40 17.16 5.24
C HIS C 126 4.69 17.58 5.81
N GLU C 127 4.82 18.88 6.06
CA GLU C 127 6.03 19.41 6.64
C GLU C 127 6.22 18.97 8.11
N VAL C 128 5.13 19.02 8.88
CA VAL C 128 5.17 18.65 10.30
C VAL C 128 5.60 17.17 10.48
N PHE C 129 5.13 16.29 9.60
CA PHE C 129 5.52 14.89 9.60
C PHE C 129 7.05 14.78 9.50
N LEU C 130 7.64 15.45 8.52
CA LEU C 130 9.06 15.36 8.30
C LEU C 130 9.84 16.01 9.43
N GLN C 131 9.32 17.12 9.95
CA GLN C 131 9.96 17.83 11.08
C GLN C 131 9.97 17.00 12.35
N ARG C 132 8.90 16.27 12.57
CA ARG C 132 8.85 15.33 13.71
C ARG C 132 9.83 14.19 13.56
N LEU C 133 10.03 13.66 12.34
CA LEU C 133 11.00 12.62 12.13
C LEU C 133 12.39 13.18 12.39
N SER C 134 12.64 14.41 11.93
CA SER C 134 13.97 15.01 12.07
C SER C 134 14.35 15.21 13.51
N SER C 135 13.39 15.49 14.39
CA SER C 135 13.58 15.57 15.85
C SER C 135 13.73 14.27 16.63
N HIS C 136 13.38 13.13 16.04
CA HIS C 136 13.37 11.87 16.76
C HIS C 136 14.78 11.32 16.82
N PRO C 137 15.33 11.05 18.01
CA PRO C 137 16.72 10.57 18.08
C PRO C 137 17.02 9.28 17.37
N VAL C 138 16.01 8.39 17.17
CA VAL C 138 16.22 7.19 16.40
C VAL C 138 15.75 7.34 14.94
N LEU C 139 14.55 7.84 14.73
CA LEU C 139 13.97 7.85 13.38
C LEU C 139 14.72 8.81 12.46
N SER C 140 15.32 9.87 13.02
CA SER C 140 16.03 10.86 12.24
C SER C 140 17.23 10.24 11.51
N LYS C 141 17.73 9.11 12.03
CA LYS C 141 18.88 8.42 11.50
C LYS C 141 18.50 7.36 10.47
N ASP C 142 17.23 7.10 10.31
CA ASP C 142 16.78 6.02 9.44
C ASP C 142 17.25 6.26 7.97
N ARG C 143 17.77 5.22 7.36
CA ARG C 143 18.29 5.30 6.00
C ARG C 143 17.22 5.62 4.96
N ASN C 144 16.02 5.05 5.12
CA ASN C 144 14.93 5.36 4.18
C ASN C 144 14.47 6.77 4.29
N PHE C 145 14.47 7.32 5.49
CA PHE C 145 14.24 8.74 5.70
C PHE C 145 15.30 9.58 4.97
N HIS C 146 16.54 9.19 5.09
CA HIS C 146 17.61 9.93 4.43
C HIS C 146 17.44 9.86 2.91
N VAL C 147 17.11 8.68 2.40
CA VAL C 147 16.89 8.55 0.99
C VAL C 147 15.72 9.48 0.57
N PHE C 148 14.61 9.48 1.34
CA PHE C 148 13.52 10.31 1.06
C PHE C 148 13.95 11.80 0.91
N LEU C 149 14.85 12.27 1.78
CA LEU C 149 15.31 13.66 1.74
C LEU C 149 16.28 13.96 0.62
N GLU C 150 17.15 13.02 0.27
CA GLU C 150 18.37 13.28 -0.50
C GLU C 150 18.41 12.72 -1.94
N TYR C 151 17.69 11.64 -2.17
CA TYR C 151 17.84 10.87 -3.39
C TYR C 151 17.25 11.66 -4.55
N ASP C 152 18.03 12.01 -5.53
CA ASP C 152 17.46 13.07 -6.45
C ASP C 152 16.94 12.37 -7.71
N GLN C 153 16.01 11.44 -7.49
CA GLN C 153 15.21 10.78 -8.51
C GLN C 153 13.81 10.49 -7.93
N ASP C 154 12.90 10.07 -8.80
CA ASP C 154 11.51 9.69 -8.43
C ASP C 154 11.62 8.42 -7.59
N LEU C 155 10.94 8.37 -6.46
CA LEU C 155 10.93 7.15 -5.65
C LEU C 155 10.01 6.04 -6.16
N SER C 156 9.21 6.30 -7.18
CA SER C 156 8.52 5.27 -7.97
C SER C 156 9.18 3.88 -7.94
N VAL C 157 10.34 3.75 -8.62
CA VAL C 157 11.10 2.47 -8.66
C VAL C 157 11.49 1.95 -7.25
N ARG C 158 11.82 2.83 -6.30
CA ARG C 158 12.09 2.45 -4.89
C ARG C 158 11.05 1.51 -4.30
N ARG C 159 9.77 1.82 -4.57
CA ARG C 159 8.61 1.14 -3.95
C ARG C 159 7.69 0.53 -4.97
N GLY D 1 -0.79 19.57 -18.66
CA GLY D 1 -1.85 20.60 -18.87
C GLY D 1 -1.92 21.59 -17.71
N PRO D 2 -3.16 22.03 -17.31
CA PRO D 2 -3.30 22.98 -16.20
C PRO D 2 -2.92 22.49 -14.78
N ALA D 3 -2.36 23.40 -14.00
CA ALA D 3 -1.74 23.10 -12.75
C ALA D 3 -1.75 24.37 -11.94
N VAL D 4 -1.62 24.22 -10.63
CA VAL D 4 -1.60 25.34 -9.73
C VAL D 4 -0.36 25.21 -8.85
N GLN D 5 0.38 26.30 -8.76
CA GLN D 5 1.69 26.32 -8.13
C GLN D 5 1.58 27.13 -6.86
N PHE D 6 2.07 26.60 -5.75
CA PHE D 6 2.04 27.25 -4.46
C PHE D 6 3.47 27.63 -4.08
N PHE D 7 3.64 28.84 -3.53
CA PHE D 7 4.91 29.28 -2.92
C PHE D 7 4.66 29.72 -1.49
N LYS D 8 5.42 29.20 -0.57
CA LYS D 8 5.27 29.65 0.80
C LYS D 8 5.98 30.97 0.99
N GLY D 9 5.32 31.90 1.69
CA GLY D 9 5.86 33.24 1.94
C GLY D 9 6.90 33.23 3.06
N LYS D 10 7.95 34.06 2.88
CA LYS D 10 9.19 34.01 3.69
C LYS D 10 9.18 34.93 4.92
N ASN D 11 9.24 34.32 6.11
CA ASN D 11 9.12 35.02 7.41
C ASN D 11 7.91 35.99 7.40
N GLY D 12 8.14 37.19 6.88
CA GLY D 12 7.13 38.23 6.81
C GLY D 12 6.15 38.05 5.66
N SER D 13 6.66 37.76 4.46
CA SER D 13 5.83 37.63 3.27
C SER D 13 4.81 36.47 3.35
N ALA D 14 3.74 36.60 2.56
CA ALA D 14 2.60 35.71 2.63
C ALA D 14 2.54 34.82 1.39
N ASP D 15 1.78 33.74 1.53
CA ASP D 15 1.76 32.65 0.57
C ASP D 15 1.12 33.07 -0.73
N GLN D 16 1.51 32.44 -1.81
CA GLN D 16 1.02 32.79 -3.16
C GLN D 16 0.66 31.53 -3.92
N VAL D 17 -0.30 31.68 -4.81
CA VAL D 17 -0.73 30.61 -5.68
C VAL D 17 -0.79 31.18 -7.10
N ILE D 18 -0.33 30.42 -8.08
CA ILE D 18 -0.38 30.84 -9.48
C ILE D 18 -0.97 29.75 -10.34
N LEU D 19 -1.94 30.12 -11.16
CA LEU D 19 -2.47 29.19 -12.12
C LEU D 19 -1.48 29.12 -13.30
N VAL D 20 -1.07 27.89 -13.61
CA VAL D 20 -0.14 27.59 -14.66
C VAL D 20 -0.87 26.73 -15.71
N THR D 21 -0.27 26.61 -16.90
CA THR D 21 -0.64 25.56 -17.89
C THR D 21 0.54 25.29 -18.79
#